data_8J0Q
#
_entry.id   8J0Q
#
_cell.length_a   51.212
_cell.length_b   81.829
_cell.length_c   115.628
_cell.angle_alpha   90.00
_cell.angle_beta   90.00
_cell.angle_gamma   90.00
#
_symmetry.space_group_name_H-M   'P 21 21 21'
#
loop_
_entity.id
_entity.type
_entity.pdbx_description
1 polymer 'Transcription factor AP-2-beta'
2 non-polymer GLYCEROL
3 water water
#
_entity_poly.entity_id   1
_entity_poly.type   'polypeptide(L)'
_entity_poly.pdbx_seq_one_letter_code
;GLGGMSVNTGEVFCSVPGRLSLLSSTSKYKVTVGEVQRRLSPPECLNASLLGGVLRRAKSKNGGRSLRERLEKIGLNLPA
GRRKAANVTLLTSLVEGEAVHLARDFGYICETEFPAKAVSEYLNRQHTDPSDLHSRKNMLLATKQLCKEFTDLLAQDRTP
IGNSRPSPILEPGIQSCLTHFSLITHGFGAPAICAALTALQNYLTEALKGMDKMFLNNTTTNRHTSGEGPGSKTGDKEEK
;
_entity_poly.pdbx_strand_id   A,B
#
# COMPACT_ATOMS: atom_id res chain seq x y z
N VAL A 7 -25.21 -2.55 22.06
CA VAL A 7 -23.72 -2.48 21.83
C VAL A 7 -23.31 -1.02 21.59
N ASN A 8 -22.47 -0.46 22.47
CA ASN A 8 -21.96 0.94 22.47
C ASN A 8 -20.56 0.98 21.83
N THR A 9 -20.48 1.43 20.57
CA THR A 9 -19.30 1.19 19.69
C THR A 9 -18.31 2.35 19.78
N GLY A 10 -18.75 3.53 20.22
CA GLY A 10 -17.88 4.69 20.50
C GLY A 10 -16.92 4.41 21.66
N GLU A 11 -17.28 3.49 22.54
CA GLU A 11 -16.54 3.22 23.80
C GLU A 11 -15.16 2.64 23.46
N VAL A 12 -14.15 2.99 24.24
CA VAL A 12 -12.77 2.44 24.15
C VAL A 12 -12.76 1.09 24.86
N PHE A 13 -12.28 0.05 24.17
CA PHE A 13 -12.04 -1.31 24.72
C PHE A 13 -10.68 -1.32 25.41
N CYS A 14 -9.63 -0.87 24.72
CA CYS A 14 -8.25 -0.83 25.28
C CYS A 14 -7.39 0.11 24.44
N SER A 15 -6.11 0.22 24.78
CA SER A 15 -5.06 0.97 24.06
C SER A 15 -3.92 -0.01 23.74
N VAL A 16 -3.31 0.13 22.56
CA VAL A 16 -2.38 -0.90 22.04
C VAL A 16 -1.14 -0.18 21.55
N PRO A 17 0.06 -0.54 22.04
CA PRO A 17 1.29 0.04 21.50
C PRO A 17 1.36 -0.39 20.02
N GLY A 18 1.95 0.46 19.19
CA GLY A 18 2.18 0.22 17.77
C GLY A 18 3.21 -0.85 17.55
N ARG A 19 2.98 -1.68 16.51
CA ARG A 19 3.95 -2.70 16.06
C ARG A 19 5.10 -2.03 15.31
N LEU A 20 4.90 -0.81 14.81
CA LEU A 20 5.85 -0.18 13.85
C LEU A 20 6.51 1.07 14.44
N SER A 21 6.32 1.32 15.74
CA SER A 21 6.94 2.44 16.50
C SER A 21 8.44 2.19 16.64
N LEU A 22 9.26 3.17 16.24
CA LEU A 22 10.68 3.32 16.65
C LEU A 22 10.83 4.37 17.77
N LEU A 23 9.80 5.19 18.02
CA LEU A 23 9.86 6.40 18.89
C LEU A 23 9.10 6.11 20.21
N SER A 24 9.84 5.96 21.31
CA SER A 24 9.32 5.78 22.70
C SER A 24 8.07 6.66 22.93
N SER A 25 8.13 7.92 22.51
CA SER A 25 6.99 8.88 22.41
C SER A 25 6.02 8.40 21.33
N SER A 27 2.86 7.19 20.72
CA SER A 27 1.63 6.88 21.51
C SER A 27 1.20 5.42 21.30
N LYS A 28 0.31 4.98 22.19
CA LYS A 28 -0.56 3.80 21.98
C LYS A 28 -1.75 4.27 21.13
N TYR A 29 -2.38 3.35 20.39
CA TYR A 29 -3.61 3.62 19.61
C TYR A 29 -4.83 3.14 20.41
N LYS A 30 -5.89 3.93 20.46
CA LYS A 30 -7.20 3.52 21.01
C LYS A 30 -7.86 2.55 20.02
N VAL A 31 -8.38 1.46 20.58
CA VAL A 31 -9.24 0.48 19.86
C VAL A 31 -10.61 0.57 20.51
N THR A 32 -11.61 0.93 19.71
CA THR A 32 -13.02 1.07 20.13
C THR A 32 -13.68 -0.32 20.10
N VAL A 33 -14.82 -0.42 20.77
CA VAL A 33 -15.69 -1.62 20.69
C VAL A 33 -16.08 -1.82 19.22
N GLY A 34 -16.40 -0.75 18.49
CA GLY A 34 -16.71 -0.82 17.05
C GLY A 34 -15.62 -1.59 16.32
N GLU A 35 -14.37 -1.25 16.60
CA GLU A 35 -13.24 -1.89 15.89
C GLU A 35 -13.20 -3.38 16.21
N VAL A 36 -13.36 -3.72 17.50
CA VAL A 36 -13.32 -5.11 18.00
C VAL A 36 -14.45 -5.88 17.34
N GLN A 37 -15.59 -5.24 17.15
CA GLN A 37 -16.77 -5.87 16.49
C GLN A 37 -16.50 -6.09 15.00
N ARG A 38 -15.79 -5.17 14.33
CA ARG A 38 -15.41 -5.31 12.90
C ARG A 38 -14.50 -6.54 12.76
N ARG A 39 -13.62 -6.81 13.72
CA ARG A 39 -12.65 -7.93 13.65
C ARG A 39 -13.38 -9.27 13.87
N LEU A 40 -14.34 -9.29 14.80
CA LEU A 40 -15.12 -10.51 15.17
C LEU A 40 -16.17 -10.84 14.11
N SER A 41 -16.65 -9.88 13.31
CA SER A 41 -17.72 -10.11 12.31
C SER A 41 -17.10 -10.51 10.98
N PRO A 42 -17.89 -11.00 9.99
CA PRO A 42 -17.36 -11.28 8.66
C PRO A 42 -16.89 -9.97 8.04
N PRO A 43 -15.93 -9.98 7.08
CA PRO A 43 -15.39 -11.20 6.50
C PRO A 43 -14.27 -11.94 7.26
N GLU A 44 -13.68 -11.34 8.30
CA GLU A 44 -12.52 -11.95 8.99
C GLU A 44 -12.95 -13.00 10.04
N CYS A 45 -13.98 -12.69 10.85
CA CYS A 45 -14.43 -13.55 11.97
C CYS A 45 -13.21 -14.00 12.77
N LEU A 46 -12.42 -13.07 13.30
CA LEU A 46 -11.22 -13.45 14.06
C LEU A 46 -11.70 -14.28 15.26
N ASN A 47 -10.89 -15.23 15.72
CA ASN A 47 -11.13 -16.01 16.96
C ASN A 47 -10.34 -15.32 18.09
N ALA A 48 -10.36 -15.91 19.27
CA ALA A 48 -9.87 -15.32 20.54
C ALA A 48 -8.35 -15.22 20.49
N SER A 49 -7.71 -16.22 19.92
CA SER A 49 -6.25 -16.30 19.75
C SER A 49 -5.75 -15.12 18.91
N LEU A 50 -6.33 -14.90 17.71
CA LEU A 50 -5.90 -13.87 16.72
C LEU A 50 -6.27 -12.47 17.23
N LEU A 51 -7.47 -12.30 17.80
CA LEU A 51 -7.88 -11.01 18.40
C LEU A 51 -6.91 -10.67 19.53
N GLY A 52 -6.49 -11.68 20.30
CA GLY A 52 -5.52 -11.51 21.39
C GLY A 52 -4.19 -10.94 20.92
N GLY A 53 -3.70 -11.39 19.76
CA GLY A 53 -2.47 -10.87 19.11
C GLY A 53 -2.63 -9.46 18.54
N VAL A 54 -3.75 -9.17 17.85
CA VAL A 54 -4.10 -7.80 17.37
C VAL A 54 -4.06 -6.82 18.56
N LEU A 55 -4.71 -7.18 19.67
CA LEU A 55 -4.75 -6.36 20.89
C LEU A 55 -3.44 -6.50 21.67
N ARG A 56 -2.46 -7.24 21.15
CA ARG A 56 -1.10 -7.45 21.75
C ARG A 56 -1.29 -7.79 23.24
N ARG A 57 -2.27 -8.64 23.57
CA ARG A 57 -2.46 -9.14 24.95
C ARG A 57 -1.36 -10.18 25.21
N ALA A 58 -0.89 -10.29 26.45
CA ALA A 58 -0.01 -11.38 26.94
C ALA A 58 -0.79 -12.70 26.82
N LYS A 59 -0.30 -13.66 26.02
CA LYS A 59 -0.95 -14.98 25.85
C LYS A 59 -0.78 -15.77 27.17
N SER A 60 -1.71 -15.57 28.10
CA SER A 60 -1.93 -16.38 29.33
C SER A 60 -2.99 -17.45 29.03
N LYS A 61 -3.14 -18.46 29.89
CA LYS A 61 -4.24 -19.47 29.78
C LYS A 61 -5.53 -18.85 30.34
N ASN A 62 -5.39 -17.99 31.35
CA ASN A 62 -6.45 -17.11 31.91
C ASN A 62 -6.92 -16.12 30.83
N GLY A 63 -5.97 -15.56 30.06
CA GLY A 63 -6.15 -14.44 29.11
C GLY A 63 -7.32 -14.64 28.15
N GLY A 64 -7.50 -15.86 27.65
CA GLY A 64 -8.53 -16.25 26.65
C GLY A 64 -9.93 -16.25 27.24
N ARG A 65 -10.05 -16.67 28.50
CA ARG A 65 -11.33 -16.63 29.24
C ARG A 65 -11.58 -15.18 29.68
N SER A 66 -10.55 -14.49 30.17
CA SER A 66 -10.55 -13.05 30.53
C SER A 66 -11.05 -12.17 29.37
N LEU A 67 -10.48 -12.33 28.17
CA LEU A 67 -10.91 -11.59 26.96
C LEU A 67 -12.36 -11.97 26.62
N ARG A 68 -12.70 -13.26 26.61
CA ARG A 68 -14.08 -13.72 26.31
C ARG A 68 -15.08 -13.06 27.28
N GLU A 69 -14.74 -13.02 28.58
CA GLU A 69 -15.55 -12.31 29.62
C GLU A 69 -15.65 -10.81 29.23
N ARG A 70 -14.53 -10.12 29.02
CA ARG A 70 -14.56 -8.68 28.63
C ARG A 70 -15.45 -8.50 27.39
N LEU A 71 -15.41 -9.41 26.43
CA LEU A 71 -16.21 -9.27 25.18
C LEU A 71 -17.71 -9.43 25.49
N GLU A 72 -18.11 -10.47 26.23
CA GLU A 72 -19.56 -10.79 26.39
C GLU A 72 -20.24 -9.71 27.24
N LYS A 73 -19.54 -9.13 28.22
CA LYS A 73 -20.08 -8.06 29.10
C LYS A 73 -20.59 -6.88 28.26
N ILE A 74 -19.99 -6.60 27.09
CA ILE A 74 -20.37 -5.44 26.22
C ILE A 74 -21.21 -5.90 25.02
N GLY A 75 -21.61 -7.18 24.94
CA GLY A 75 -22.62 -7.71 24.00
C GLY A 75 -22.05 -8.27 22.71
N LEU A 76 -20.79 -8.73 22.73
CA LEU A 76 -20.12 -9.39 21.56
C LEU A 76 -19.75 -10.81 21.95
N ASN A 77 -19.65 -11.75 21.01
CA ASN A 77 -19.09 -13.09 21.29
C ASN A 77 -18.40 -13.65 20.04
N LEU A 78 -17.75 -14.81 20.18
CA LEU A 78 -16.92 -15.49 19.16
C LEU A 78 -17.77 -16.57 18.46
N ALA A 85 -13.29 -18.88 9.85
CA ALA A 85 -11.97 -18.20 9.82
C ALA A 85 -11.81 -17.45 8.49
N ALA A 86 -10.62 -16.86 8.25
CA ALA A 86 -10.19 -16.26 6.96
C ALA A 86 -8.66 -16.26 6.87
N ASN A 87 -8.13 -16.06 5.66
CA ASN A 87 -6.67 -15.99 5.36
C ASN A 87 -6.07 -14.83 6.15
N VAL A 88 -5.15 -15.14 7.06
CA VAL A 88 -4.40 -14.15 7.87
C VAL A 88 -3.23 -13.61 7.03
N THR A 89 -3.14 -12.28 6.90
CA THR A 89 -1.98 -11.56 6.32
C THR A 89 -1.28 -10.72 7.40
N LEU A 90 -0.12 -10.16 7.06
CA LEU A 90 0.58 -9.13 7.88
C LEU A 90 -0.42 -8.02 8.23
N LEU A 91 -1.31 -7.64 7.33
CA LEU A 91 -2.27 -6.53 7.59
C LEU A 91 -3.22 -6.90 8.74
N THR A 92 -3.52 -8.19 8.93
CA THR A 92 -4.40 -8.74 10.01
C THR A 92 -3.87 -8.37 11.41
N SER A 93 -2.56 -8.17 11.56
CA SER A 93 -1.90 -7.82 12.84
C SER A 93 -2.19 -6.38 13.30
N LEU A 94 -2.72 -5.51 12.43
CA LEU A 94 -2.71 -4.04 12.65
C LEU A 94 -4.01 -3.57 13.31
N VAL A 95 -3.89 -2.72 14.34
CA VAL A 95 -5.06 -1.93 14.82
C VAL A 95 -5.32 -0.85 13.78
N GLU A 96 -6.57 -0.43 13.63
CA GLU A 96 -7.01 0.47 12.55
C GLU A 96 -6.22 1.79 12.62
N GLY A 97 -6.02 2.35 13.82
CA GLY A 97 -5.17 3.55 14.02
C GLY A 97 -3.83 3.40 13.31
N GLU A 98 -3.17 2.25 13.44
CA GLU A 98 -1.79 2.09 12.92
C GLU A 98 -1.83 1.82 11.41
N ALA A 99 -2.85 1.08 10.93
CA ALA A 99 -3.09 0.82 9.50
C ALA A 99 -3.24 2.17 8.78
N VAL A 100 -4.12 3.04 9.29
CA VAL A 100 -4.41 4.38 8.73
C VAL A 100 -3.11 5.20 8.74
N HIS A 101 -2.36 5.20 9.84
CA HIS A 101 -1.07 5.92 9.99
C HIS A 101 -0.07 5.41 8.94
N LEU A 102 0.09 4.10 8.81
CA LEU A 102 0.97 3.44 7.81
C LEU A 102 0.61 3.90 6.40
N ALA A 103 -0.69 3.96 6.08
CA ALA A 103 -1.16 4.40 4.73
C ALA A 103 -0.80 5.87 4.53
N ARG A 104 -0.95 6.66 5.59
CA ARG A 104 -0.65 8.11 5.57
C ARG A 104 0.85 8.28 5.35
N ASP A 105 1.71 7.55 6.05
CA ASP A 105 3.17 7.73 5.81
C ASP A 105 3.50 7.36 4.36
N PHE A 106 2.94 6.25 3.87
CA PHE A 106 3.19 5.77 2.48
C PHE A 106 2.75 6.86 1.51
N GLY A 107 1.55 7.41 1.73
CA GLY A 107 1.04 8.57 0.99
C GLY A 107 2.01 9.74 1.00
N TYR A 108 2.53 10.08 2.16
CA TYR A 108 3.47 11.21 2.30
C TYR A 108 4.72 10.88 1.47
N ILE A 109 5.23 9.66 1.57
CA ILE A 109 6.47 9.25 0.85
C ILE A 109 6.23 9.28 -0.68
N CYS A 110 5.05 8.90 -1.16
CA CYS A 110 4.77 8.91 -2.62
C CYS A 110 4.76 10.33 -3.15
N GLU A 111 4.13 11.26 -2.43
CA GLU A 111 4.02 12.69 -2.81
C GLU A 111 5.40 13.34 -2.83
N THR A 112 6.21 13.14 -1.78
CA THR A 112 7.44 13.93 -1.52
C THR A 112 8.70 13.25 -2.06
N GLU A 113 8.74 11.92 -2.24
CA GLU A 113 10.02 11.19 -2.51
C GLU A 113 9.97 10.32 -3.75
N PHE A 114 8.80 10.08 -4.35
CA PHE A 114 8.73 9.29 -5.60
C PHE A 114 9.33 10.12 -6.73
N PRO A 115 10.32 9.62 -7.50
CA PRO A 115 11.02 10.44 -8.50
C PRO A 115 10.19 10.60 -9.78
N ALA A 116 9.05 11.26 -9.65
CA ALA A 116 8.06 11.41 -10.74
C ALA A 116 8.72 12.11 -11.93
N LYS A 117 9.65 13.02 -11.69
CA LYS A 117 10.30 13.82 -12.76
C LYS A 117 11.26 12.93 -13.57
N ALA A 118 12.19 12.24 -12.91
CA ALA A 118 13.17 11.34 -13.54
C ALA A 118 12.42 10.25 -14.30
N VAL A 119 11.33 9.69 -13.74
CA VAL A 119 10.50 8.65 -14.44
C VAL A 119 9.87 9.20 -15.73
N SER A 120 9.37 10.42 -15.74
CA SER A 120 8.71 10.99 -16.95
C SER A 120 9.75 11.28 -18.02
N GLU A 121 10.91 11.77 -17.63
CA GLU A 121 12.00 12.09 -18.59
C GLU A 121 12.39 10.77 -19.28
N TYR A 122 12.51 9.69 -18.51
CA TYR A 122 12.98 8.39 -19.04
C TYR A 122 11.90 7.81 -19.95
N LEU A 123 10.62 7.80 -19.55
CA LEU A 123 9.57 7.14 -20.37
C LEU A 123 9.21 8.01 -21.60
N ASN A 124 9.23 9.32 -21.48
CA ASN A 124 9.01 10.24 -22.64
C ASN A 124 10.08 9.91 -23.70
N ARG A 125 11.35 9.81 -23.30
CA ARG A 125 12.49 9.58 -24.23
C ARG A 125 12.29 8.26 -24.99
N GLN A 126 11.45 7.34 -24.50
CA GLN A 126 11.14 6.07 -25.20
C GLN A 126 10.06 6.27 -26.29
N HIS A 127 9.52 7.49 -26.48
CA HIS A 127 8.44 7.84 -27.45
C HIS A 127 8.71 9.19 -28.14
N THR A 128 9.86 9.30 -28.81
CA THR A 128 10.44 10.57 -29.33
C THR A 128 10.24 10.68 -30.87
N ASP A 129 9.52 9.72 -31.48
CA ASP A 129 8.91 9.86 -32.83
C ASP A 129 7.91 11.02 -32.78
N PRO A 130 8.14 12.14 -33.50
CA PRO A 130 7.20 13.28 -33.52
C PRO A 130 5.78 13.05 -34.06
N SER A 131 5.53 11.96 -34.78
CA SER A 131 4.16 11.51 -35.16
C SER A 131 3.46 10.87 -33.95
N ASP A 132 4.22 10.28 -33.04
CA ASP A 132 3.72 9.58 -31.82
C ASP A 132 3.61 10.59 -30.67
N LEU A 133 3.39 11.88 -30.96
CA LEU A 133 3.53 12.94 -29.93
C LEU A 133 2.15 13.44 -29.50
N HIS A 134 1.27 13.74 -30.46
CA HIS A 134 -0.15 14.07 -30.20
C HIS A 134 -0.80 12.87 -29.54
N SER A 135 -0.48 11.69 -30.05
CA SER A 135 -0.97 10.39 -29.55
C SER A 135 -0.61 10.23 -28.06
N ARG A 136 0.64 10.48 -27.68
CA ARG A 136 1.09 10.26 -26.29
C ARG A 136 0.46 11.31 -25.36
N LYS A 137 0.51 12.60 -25.72
CA LYS A 137 -0.17 13.70 -24.98
C LYS A 137 -1.63 13.29 -24.69
N ASN A 138 -2.37 12.82 -25.68
CA ASN A 138 -3.78 12.45 -25.51
C ASN A 138 -3.92 11.25 -24.56
N MET A 139 -3.00 10.31 -24.59
CA MET A 139 -3.09 9.10 -23.75
C MET A 139 -2.77 9.51 -22.31
N LEU A 140 -1.87 10.46 -22.12
CA LEU A 140 -1.48 10.93 -20.77
C LEU A 140 -2.69 11.63 -20.14
N LEU A 141 -3.37 12.49 -20.91
CA LEU A 141 -4.54 13.27 -20.45
C LEU A 141 -5.70 12.31 -20.11
N ALA A 142 -5.88 11.26 -20.91
CA ALA A 142 -6.91 10.22 -20.72
C ALA A 142 -6.64 9.46 -19.40
N THR A 143 -5.39 9.06 -19.17
CA THR A 143 -4.95 8.29 -17.99
C THR A 143 -5.21 9.13 -16.73
N LYS A 144 -4.81 10.37 -16.74
CA LYS A 144 -5.01 11.35 -15.64
C LYS A 144 -6.50 11.43 -15.29
N GLN A 145 -7.36 11.55 -16.30
CA GLN A 145 -8.80 11.70 -16.12
C GLN A 145 -9.36 10.45 -15.46
N LEU A 146 -9.05 9.26 -16.00
CA LEU A 146 -9.66 8.00 -15.52
C LEU A 146 -9.14 7.70 -14.11
N CYS A 147 -7.87 8.01 -13.83
CA CYS A 147 -7.30 7.83 -12.48
C CYS A 147 -7.99 8.78 -11.49
N LYS A 148 -8.28 10.01 -11.87
CA LYS A 148 -9.04 10.95 -11.00
C LYS A 148 -10.42 10.36 -10.69
N GLU A 149 -11.18 9.93 -11.68
CA GLU A 149 -12.53 9.35 -11.45
C GLU A 149 -12.39 8.27 -10.41
N PHE A 150 -11.35 7.43 -10.56
CA PHE A 150 -11.13 6.26 -9.68
C PHE A 150 -10.78 6.73 -8.25
N THR A 151 -9.88 7.70 -8.07
CA THR A 151 -9.52 8.14 -6.70
C THR A 151 -10.67 8.95 -6.13
N ASP A 152 -11.44 9.64 -6.95
CA ASP A 152 -12.66 10.34 -6.49
C ASP A 152 -13.63 9.31 -5.84
N LEU A 153 -13.81 8.14 -6.42
CA LEU A 153 -14.71 7.11 -5.84
C LEU A 153 -14.14 6.63 -4.50
N LEU A 154 -12.85 6.35 -4.43
CA LEU A 154 -12.28 5.90 -3.12
C LEU A 154 -12.43 6.98 -2.05
N ALA A 155 -12.31 8.28 -2.36
CA ALA A 155 -12.54 9.38 -1.41
C ALA A 155 -14.02 9.47 -0.98
N GLN A 156 -14.93 8.85 -1.72
CA GLN A 156 -16.37 8.82 -1.36
C GLN A 156 -16.67 7.63 -0.46
N ASP A 157 -15.71 6.71 -0.26
CA ASP A 157 -15.85 5.59 0.73
C ASP A 157 -16.20 6.19 2.11
N ARG A 158 -17.26 5.71 2.77
CA ARG A 158 -17.67 6.16 4.13
C ARG A 158 -17.75 4.94 5.07
N THR A 159 -16.85 4.01 4.93
CA THR A 159 -16.77 2.82 5.83
C THR A 159 -16.39 3.32 7.22
N PRO A 160 -17.07 2.82 8.28
CA PRO A 160 -16.63 2.99 9.66
C PRO A 160 -15.18 2.53 9.84
N ILE A 161 -14.40 3.38 10.48
CA ILE A 161 -12.96 3.16 10.75
C ILE A 161 -12.62 3.98 12.00
N GLY A 162 -11.72 3.48 12.84
CA GLY A 162 -11.44 4.03 14.18
C GLY A 162 -12.75 4.31 14.90
N ASN A 163 -12.90 5.51 15.46
CA ASN A 163 -14.12 5.96 16.20
C ASN A 163 -15.21 6.47 15.24
N SER A 164 -14.90 6.73 13.96
CA SER A 164 -15.86 7.33 13.00
C SER A 164 -16.89 6.28 12.57
N ARG A 165 -18.16 6.69 12.48
CA ARG A 165 -19.26 5.94 11.81
C ARG A 165 -20.05 6.96 11.00
N PRO A 166 -19.52 7.45 9.86
CA PRO A 166 -20.13 8.58 9.16
C PRO A 166 -21.35 8.04 8.42
N SER A 167 -22.15 8.91 7.79
CA SER A 167 -23.30 8.50 6.94
C SER A 167 -22.85 8.31 5.50
N PRO A 168 -23.31 7.26 4.81
CA PRO A 168 -22.89 7.02 3.43
C PRO A 168 -23.39 8.13 2.49
N ILE A 169 -22.61 8.39 1.44
CA ILE A 169 -23.04 9.21 0.27
C ILE A 169 -23.16 8.27 -0.93
N LEU A 170 -22.35 7.22 -0.98
CA LEU A 170 -22.40 6.20 -2.05
C LEU A 170 -23.63 5.31 -1.81
N GLU A 171 -24.22 4.88 -2.90
CA GLU A 171 -25.24 3.81 -3.03
C GLU A 171 -24.80 2.58 -2.21
N PRO A 172 -25.71 1.87 -1.51
CA PRO A 172 -25.36 0.78 -0.59
C PRO A 172 -24.49 -0.37 -1.12
N GLY A 173 -24.71 -0.75 -2.38
CA GLY A 173 -24.06 -1.87 -3.09
C GLY A 173 -22.58 -1.64 -3.25
N ILE A 174 -22.20 -0.55 -3.91
CA ILE A 174 -20.77 -0.15 -4.08
C ILE A 174 -20.15 0.10 -2.71
N GLN A 175 -20.84 0.79 -1.79
CA GLN A 175 -20.32 1.05 -0.42
C GLN A 175 -19.99 -0.28 0.26
N SER A 176 -20.83 -1.30 0.12
CA SER A 176 -20.63 -2.59 0.83
C SER A 176 -19.42 -3.29 0.22
N CYS A 177 -19.19 -3.16 -1.08
CA CYS A 177 -17.95 -3.69 -1.72
C CYS A 177 -16.71 -2.92 -1.26
N LEU A 178 -16.75 -1.59 -1.08
CA LEU A 178 -15.55 -0.88 -0.57
C LEU A 178 -15.39 -1.21 0.91
N THR A 179 -16.51 -1.42 1.62
CA THR A 179 -16.52 -1.81 3.07
C THR A 179 -15.79 -3.16 3.19
N HIS A 180 -16.11 -4.14 2.37
CA HIS A 180 -15.42 -5.47 2.41
C HIS A 180 -13.91 -5.24 2.31
N PHE A 181 -13.46 -4.41 1.39
CA PHE A 181 -12.02 -4.22 1.14
C PHE A 181 -11.34 -3.43 2.29
N SER A 182 -12.03 -2.47 2.92
CA SER A 182 -11.55 -1.81 4.17
C SER A 182 -11.41 -2.81 5.31
N LEU A 183 -12.38 -3.70 5.50
CA LEU A 183 -12.40 -4.67 6.65
C LEU A 183 -11.22 -5.64 6.52
N ILE A 184 -10.99 -6.25 5.35
CA ILE A 184 -9.86 -7.23 5.19
C ILE A 184 -8.51 -6.49 5.27
N THR A 185 -8.43 -5.16 5.12
CA THR A 185 -7.13 -4.43 5.15
C THR A 185 -6.99 -3.57 6.43
N HIS A 186 -7.96 -3.62 7.33
CA HIS A 186 -7.99 -2.81 8.58
C HIS A 186 -7.84 -1.31 8.24
N GLY A 187 -8.38 -0.91 7.09
CA GLY A 187 -8.52 0.51 6.69
C GLY A 187 -7.30 0.98 5.92
N PHE A 188 -6.33 0.10 5.66
CA PHE A 188 -5.11 0.43 4.90
C PHE A 188 -5.39 0.52 3.41
N GLY A 189 -6.24 -0.35 2.88
CA GLY A 189 -6.38 -0.65 1.43
C GLY A 189 -6.61 0.60 0.58
N ALA A 190 -7.75 1.23 0.77
CA ALA A 190 -8.22 2.30 -0.12
C ALA A 190 -7.23 3.47 -0.05
N PRO A 191 -6.83 3.96 1.14
CA PRO A 191 -5.79 5.01 1.19
C PRO A 191 -4.43 4.55 0.67
N ALA A 192 -4.02 3.28 0.81
CA ALA A 192 -2.73 2.85 0.19
C ALA A 192 -2.80 2.92 -1.34
N ILE A 193 -3.97 2.65 -1.92
CA ILE A 193 -4.20 2.73 -3.39
C ILE A 193 -4.18 4.20 -3.82
N CYS A 194 -4.83 5.08 -3.07
CA CYS A 194 -4.75 6.54 -3.36
C CYS A 194 -3.28 7.02 -3.27
N ALA A 195 -2.52 6.57 -2.26
CA ALA A 195 -1.06 6.84 -2.16
C ALA A 195 -0.37 6.45 -3.46
N ALA A 196 -0.55 5.22 -3.94
CA ALA A 196 0.13 4.75 -5.18
C ALA A 196 -0.35 5.56 -6.39
N LEU A 197 -1.64 5.93 -6.47
CA LEU A 197 -2.12 6.67 -7.65
C LEU A 197 -1.65 8.12 -7.66
N THR A 198 -1.22 8.65 -6.52
CA THR A 198 -0.54 9.98 -6.43
C THR A 198 0.81 9.96 -7.18
N ALA A 199 1.64 8.93 -6.95
CA ALA A 199 2.91 8.73 -7.69
C ALA A 199 2.61 8.65 -9.21
N LEU A 200 1.62 7.86 -9.61
CA LEU A 200 1.24 7.80 -11.05
C LEU A 200 0.79 9.18 -11.54
N GLN A 201 -0.03 9.90 -10.77
CA GLN A 201 -0.57 11.23 -11.20
C GLN A 201 0.59 12.22 -11.32
N ASN A 202 1.55 12.22 -10.38
CA ASN A 202 2.73 13.14 -10.43
C ASN A 202 3.60 12.82 -11.63
N TYR A 203 3.73 11.54 -12.01
CA TYR A 203 4.48 11.13 -13.20
C TYR A 203 3.77 11.67 -14.44
N LEU A 204 2.45 11.49 -14.51
CA LEU A 204 1.67 11.93 -15.70
C LEU A 204 1.82 13.44 -15.87
N THR A 205 1.68 14.20 -14.80
CA THR A 205 1.87 15.68 -14.77
C THR A 205 3.24 16.03 -15.31
N GLU A 206 4.30 15.39 -14.78
CA GLU A 206 5.69 15.66 -15.22
C GLU A 206 5.87 15.24 -16.68
N ALA A 207 5.14 14.23 -17.15
CA ALA A 207 5.27 13.68 -18.51
C ALA A 207 4.65 14.66 -19.50
N LEU A 208 3.55 15.30 -19.09
CA LEU A 208 2.86 16.34 -19.90
C LEU A 208 3.75 17.58 -19.99
N LYS A 209 4.26 18.13 -18.88
CA LYS A 209 5.23 19.24 -18.90
C LYS A 209 6.35 18.89 -19.89
N GLY A 210 7.01 17.73 -19.70
CA GLY A 210 8.02 17.14 -20.61
C GLY A 210 7.58 17.03 -22.08
N MET A 211 6.34 16.61 -22.40
CA MET A 211 5.85 16.51 -23.80
C MET A 211 5.86 17.92 -24.44
N ASP A 212 5.51 18.94 -23.66
CA ASP A 212 5.30 20.34 -24.11
C ASP A 212 6.66 21.00 -24.40
N LYS A 213 7.74 20.53 -23.76
CA LYS A 213 9.15 20.93 -24.04
C LYS A 213 9.63 20.23 -25.31
N MET A 214 9.20 19.00 -25.57
CA MET A 214 9.48 18.26 -26.83
C MET A 214 8.84 19.00 -28.01
N PHE A 215 7.56 19.37 -27.89
CA PHE A 215 6.75 20.10 -28.91
C PHE A 215 7.55 21.31 -29.45
N LEU A 216 8.48 21.86 -28.66
CA LEU A 216 9.55 22.82 -29.07
C LEU A 216 10.88 22.06 -29.23
N ASN B 8 31.92 -7.60 2.37
CA ASN B 8 31.37 -8.99 2.46
C ASN B 8 29.85 -8.93 2.67
N THR B 9 29.11 -8.45 1.65
CA THR B 9 27.72 -7.95 1.78
C THR B 9 26.78 -9.11 2.11
N GLY B 10 27.00 -10.29 1.51
CA GLY B 10 26.13 -11.48 1.57
C GLY B 10 26.07 -12.11 2.95
N GLU B 11 26.99 -11.77 3.86
CA GLU B 11 27.03 -12.31 5.25
C GLU B 11 25.73 -11.96 5.99
N VAL B 12 25.16 -12.97 6.65
CA VAL B 12 24.01 -12.80 7.58
C VAL B 12 24.54 -12.16 8.87
N PHE B 13 23.92 -11.08 9.32
CA PHE B 13 24.34 -10.32 10.52
C PHE B 13 23.51 -10.74 11.74
N CYS B 14 22.22 -11.06 11.54
CA CYS B 14 21.33 -11.56 12.62
C CYS B 14 19.99 -12.00 12.03
N SER B 15 19.11 -12.52 12.88
CA SER B 15 17.71 -12.91 12.57
C SER B 15 16.77 -12.06 13.44
N VAL B 16 15.68 -11.54 12.84
CA VAL B 16 14.76 -10.59 13.54
C VAL B 16 13.35 -11.16 13.48
N PRO B 17 12.66 -11.23 14.65
CA PRO B 17 11.24 -11.59 14.66
C PRO B 17 10.38 -10.47 14.02
N GLY B 18 9.34 -10.87 13.30
CA GLY B 18 8.47 -9.98 12.52
C GLY B 18 7.66 -9.09 13.44
N ARG B 19 7.64 -7.79 13.16
CA ARG B 19 6.76 -6.85 13.89
C ARG B 19 5.28 -7.12 13.60
N LEU B 20 4.94 -7.78 12.48
CA LEU B 20 3.53 -7.92 12.01
C LEU B 20 3.06 -9.39 12.01
N SER B 21 3.81 -10.31 12.63
CA SER B 21 3.40 -11.73 12.71
C SER B 21 2.31 -11.85 13.78
N LEU B 22 1.33 -12.70 13.55
CA LEU B 22 0.31 -13.11 14.54
C LEU B 22 0.55 -14.58 14.93
N LEU B 23 0.80 -15.45 13.95
CA LEU B 23 1.31 -16.84 14.15
C LEU B 23 2.61 -16.79 14.98
N SER B 24 2.62 -17.34 16.20
CA SER B 24 3.84 -17.34 17.07
C SER B 24 5.01 -18.03 16.33
N SER B 25 4.75 -19.21 15.76
CA SER B 25 5.66 -19.95 14.84
C SER B 25 6.47 -18.97 13.99
N LYS B 28 10.89 -15.62 11.32
CA LYS B 28 12.10 -14.79 11.61
C LYS B 28 12.77 -14.39 10.28
N TYR B 29 13.21 -13.14 10.17
CA TYR B 29 13.83 -12.59 8.92
C TYR B 29 15.36 -12.49 9.10
N LYS B 30 16.09 -13.08 8.16
CA LYS B 30 17.55 -12.91 8.05
C LYS B 30 17.82 -11.47 7.60
N VAL B 31 18.54 -10.72 8.42
CA VAL B 31 19.08 -9.40 8.05
C VAL B 31 20.56 -9.61 7.73
N THR B 32 21.02 -9.16 6.55
CA THR B 32 22.41 -9.27 6.07
C THR B 32 23.19 -8.00 6.41
N VAL B 33 24.52 -8.05 6.21
CA VAL B 33 25.46 -6.91 6.42
C VAL B 33 25.15 -5.83 5.37
N GLY B 34 24.93 -6.23 4.11
CA GLY B 34 24.42 -5.35 3.02
C GLY B 34 23.29 -4.44 3.52
N GLU B 35 22.31 -5.03 4.22
CA GLU B 35 21.05 -4.34 4.64
C GLU B 35 21.37 -3.38 5.78
N VAL B 36 22.25 -3.80 6.69
CA VAL B 36 22.69 -2.92 7.80
C VAL B 36 23.42 -1.74 7.16
N GLN B 37 24.26 -2.02 6.18
CA GLN B 37 24.98 -0.93 5.47
C GLN B 37 23.99 0.05 4.84
N ARG B 38 22.96 -0.44 4.15
CA ARG B 38 21.98 0.46 3.47
C ARG B 38 21.30 1.35 4.52
N ARG B 39 20.99 0.82 5.71
CA ARG B 39 20.39 1.60 6.83
C ARG B 39 21.37 2.66 7.40
N LEU B 40 22.67 2.37 7.48
CA LEU B 40 23.70 3.30 8.03
C LEU B 40 24.07 4.36 7.00
N SER B 41 23.96 4.04 5.71
CA SER B 41 24.37 4.94 4.60
C SER B 41 23.24 5.90 4.22
N PRO B 42 23.54 6.95 3.44
CA PRO B 42 22.49 7.84 2.94
C PRO B 42 21.56 7.03 2.03
N PRO B 43 20.28 7.41 1.88
CA PRO B 43 19.75 8.67 2.43
C PRO B 43 19.33 8.71 3.90
N GLU B 44 19.18 7.57 4.59
CA GLU B 44 18.61 7.56 5.96
C GLU B 44 19.66 7.82 7.06
N CYS B 45 20.92 7.37 6.89
CA CYS B 45 21.98 7.45 7.93
C CYS B 45 21.35 7.20 9.31
N LEU B 46 20.80 6.02 9.52
CA LEU B 46 20.24 5.69 10.85
C LEU B 46 21.40 5.77 11.85
N ASN B 47 21.16 6.30 13.03
CA ASN B 47 22.09 6.22 14.19
C ASN B 47 21.94 4.82 14.80
N ALA B 48 22.60 4.57 15.92
CA ALA B 48 22.66 3.25 16.59
C ALA B 48 21.37 3.00 17.38
N SER B 49 20.79 4.07 17.93
CA SER B 49 19.48 4.02 18.60
C SER B 49 18.45 3.42 17.63
N LEU B 50 18.18 4.08 16.50
CA LEU B 50 17.14 3.69 15.51
C LEU B 50 17.46 2.30 14.94
N LEU B 51 18.69 2.07 14.47
CA LEU B 51 19.12 0.72 14.00
C LEU B 51 18.80 -0.32 15.07
N GLY B 52 18.99 0.06 16.34
CA GLY B 52 18.63 -0.80 17.47
C GLY B 52 17.19 -1.24 17.37
N GLY B 53 16.27 -0.27 17.17
CA GLY B 53 14.83 -0.55 17.04
C GLY B 53 14.56 -1.50 15.88
N VAL B 54 15.16 -1.23 14.71
CA VAL B 54 14.96 -2.03 13.48
C VAL B 54 15.34 -3.50 13.77
N LEU B 55 16.49 -3.73 14.40
CA LEU B 55 17.04 -5.09 14.72
C LEU B 55 16.41 -5.66 15.99
N ARG B 56 15.60 -4.87 16.71
CA ARG B 56 14.74 -5.32 17.84
C ARG B 56 15.62 -5.88 18.98
N ARG B 57 16.65 -5.13 19.37
CA ARG B 57 17.58 -5.49 20.49
C ARG B 57 17.35 -4.54 21.68
N SER B 66 27.35 -2.61 22.64
CA SER B 66 27.68 -3.96 22.10
C SER B 66 27.45 -4.00 20.58
N LEU B 67 26.54 -3.16 20.07
CA LEU B 67 26.21 -3.05 18.63
C LEU B 67 27.34 -2.32 17.89
N ARG B 68 27.86 -1.23 18.46
CA ARG B 68 28.95 -0.41 17.84
C ARG B 68 30.19 -1.29 17.59
N GLU B 69 30.52 -2.15 18.55
CA GLU B 69 31.67 -3.11 18.48
C GLU B 69 31.38 -4.10 17.36
N ARG B 70 30.20 -4.72 17.46
CA ARG B 70 29.66 -5.79 16.59
C ARG B 70 29.70 -5.33 15.13
N LEU B 71 29.53 -4.02 14.86
CA LEU B 71 29.59 -3.42 13.50
C LEU B 71 31.05 -3.25 13.08
N GLU B 72 31.91 -2.79 14.00
CA GLU B 72 33.38 -2.60 13.79
C GLU B 72 34.09 -3.96 13.92
N GLY B 75 32.83 -5.10 10.26
CA GLY B 75 33.64 -3.87 10.18
C GLY B 75 33.00 -2.78 9.34
N LEU B 76 32.17 -1.90 9.94
CA LEU B 76 31.39 -0.84 9.26
C LEU B 76 31.48 0.48 10.04
N ALA B 86 17.17 11.28 7.58
CA ALA B 86 15.86 11.71 7.01
C ALA B 86 14.79 11.48 8.08
N ASN B 87 13.53 11.92 7.85
CA ASN B 87 12.48 11.80 8.91
C ASN B 87 12.11 10.30 9.03
N VAL B 88 11.78 9.89 10.25
CA VAL B 88 11.38 8.50 10.62
C VAL B 88 9.90 8.30 10.26
N THR B 89 9.55 7.21 9.57
CA THR B 89 8.13 6.82 9.29
C THR B 89 7.89 5.43 9.87
N LEU B 90 6.65 4.98 9.83
CA LEU B 90 6.33 3.59 10.24
C LEU B 90 7.14 2.63 9.36
N LEU B 91 7.46 2.99 8.12
CA LEU B 91 8.25 2.08 7.23
C LEU B 91 9.71 1.95 7.75
N THR B 92 10.23 2.96 8.45
CA THR B 92 11.63 2.94 8.95
C THR B 92 11.86 1.75 9.90
N SER B 93 10.83 1.25 10.57
CA SER B 93 10.92 0.17 11.57
C SER B 93 11.13 -1.23 10.93
N LEU B 94 10.98 -1.37 9.61
CA LEU B 94 10.81 -2.69 8.97
C LEU B 94 12.17 -3.19 8.46
N VAL B 95 12.46 -4.47 8.68
CA VAL B 95 13.60 -5.13 7.98
C VAL B 95 13.14 -5.43 6.55
N GLU B 96 14.07 -5.46 5.61
CA GLU B 96 13.75 -5.62 4.17
C GLU B 96 12.82 -6.81 3.93
N GLY B 97 13.10 -7.96 4.53
CA GLY B 97 12.30 -9.17 4.33
C GLY B 97 10.85 -8.94 4.70
N GLU B 98 10.56 -8.21 5.78
CA GLU B 98 9.16 -7.95 6.21
C GLU B 98 8.52 -6.90 5.30
N ALA B 99 9.28 -5.89 4.89
CA ALA B 99 8.79 -4.79 4.01
C ALA B 99 8.27 -5.41 2.71
N VAL B 100 9.06 -6.29 2.12
CA VAL B 100 8.78 -6.99 0.82
C VAL B 100 7.58 -7.94 0.99
N HIS B 101 7.51 -8.64 2.10
CA HIS B 101 6.40 -9.54 2.47
C HIS B 101 5.08 -8.75 2.58
N LEU B 102 5.11 -7.60 3.23
CA LEU B 102 3.94 -6.70 3.44
C LEU B 102 3.43 -6.20 2.10
N ALA B 103 4.32 -5.73 1.23
CA ALA B 103 4.05 -5.36 -0.16
C ALA B 103 3.44 -6.54 -0.91
N ARG B 104 3.98 -7.75 -0.72
CA ARG B 104 3.49 -8.99 -1.35
C ARG B 104 2.06 -9.32 -0.88
N ASP B 105 1.77 -9.25 0.42
CA ASP B 105 0.39 -9.49 0.94
C ASP B 105 -0.58 -8.42 0.43
N PHE B 106 -0.14 -7.16 0.34
CA PHE B 106 -0.99 -6.08 -0.21
C PHE B 106 -1.34 -6.43 -1.66
N GLY B 107 -0.33 -6.80 -2.45
CA GLY B 107 -0.48 -7.29 -3.83
C GLY B 107 -1.52 -8.39 -3.96
N TYR B 108 -1.42 -9.41 -3.11
CA TYR B 108 -2.31 -10.58 -3.11
C TYR B 108 -3.76 -10.12 -2.87
N ILE B 109 -3.94 -9.23 -1.89
CA ILE B 109 -5.26 -8.71 -1.46
C ILE B 109 -5.82 -7.82 -2.56
N CYS B 110 -5.02 -6.95 -3.17
CA CYS B 110 -5.50 -6.14 -4.32
C CYS B 110 -5.95 -7.05 -5.45
N GLU B 111 -5.18 -8.09 -5.72
CA GLU B 111 -5.46 -9.02 -6.85
C GLU B 111 -6.77 -9.77 -6.56
N THR B 112 -7.00 -10.22 -5.34
CA THR B 112 -8.04 -11.26 -5.06
C THR B 112 -9.25 -10.67 -4.36
N GLU B 113 -9.17 -9.49 -3.74
CA GLU B 113 -10.24 -8.96 -2.85
C GLU B 113 -10.74 -7.58 -3.28
N PHE B 114 -9.98 -6.84 -4.09
CA PHE B 114 -10.42 -5.50 -4.57
C PHE B 114 -11.65 -5.72 -5.44
N PRO B 115 -12.79 -5.04 -5.20
CA PRO B 115 -14.03 -5.27 -5.98
C PRO B 115 -14.03 -4.61 -7.39
N ALA B 116 -13.23 -5.17 -8.28
CA ALA B 116 -12.93 -4.50 -9.58
C ALA B 116 -14.20 -4.50 -10.43
N LYS B 117 -14.99 -5.57 -10.34
CA LYS B 117 -16.20 -5.69 -11.18
C LYS B 117 -17.26 -4.67 -10.73
N ALA B 118 -17.55 -4.58 -9.44
CA ALA B 118 -18.56 -3.62 -8.93
C ALA B 118 -18.07 -2.20 -9.19
N VAL B 119 -16.78 -1.89 -8.96
CA VAL B 119 -16.23 -0.51 -9.19
C VAL B 119 -16.40 -0.15 -10.66
N SER B 120 -16.17 -1.07 -11.58
CA SER B 120 -16.32 -0.78 -13.03
C SER B 120 -17.80 -0.65 -13.41
N GLU B 121 -18.70 -1.43 -12.81
CA GLU B 121 -20.15 -1.28 -13.08
C GLU B 121 -20.55 0.11 -12.57
N TYR B 122 -20.11 0.54 -11.39
CA TYR B 122 -20.48 1.89 -10.88
C TYR B 122 -19.88 2.99 -11.76
N LEU B 123 -18.58 2.90 -12.08
CA LEU B 123 -17.91 3.99 -12.83
C LEU B 123 -18.38 3.97 -14.29
N ASN B 124 -18.66 2.81 -14.89
CA ASN B 124 -19.27 2.81 -16.26
C ASN B 124 -20.63 3.54 -16.19
N ARG B 125 -21.47 3.35 -15.18
CA ARG B 125 -22.76 4.10 -15.09
C ARG B 125 -22.53 5.59 -14.84
N GLN B 126 -21.59 6.01 -14.00
CA GLN B 126 -21.37 7.46 -13.69
C GLN B 126 -20.81 8.20 -14.91
N HIS B 127 -19.71 7.71 -15.51
CA HIS B 127 -18.89 8.56 -16.42
C HIS B 127 -18.99 8.16 -17.90
N THR B 128 -19.94 7.32 -18.32
CA THR B 128 -20.06 6.97 -19.76
C THR B 128 -21.25 7.74 -20.34
N ASP B 129 -20.92 8.74 -21.17
CA ASP B 129 -21.76 9.37 -22.24
C ASP B 129 -22.34 8.28 -23.16
N PRO B 130 -23.68 8.04 -23.16
CA PRO B 130 -24.27 7.00 -24.00
C PRO B 130 -24.40 7.42 -25.47
N SER B 131 -24.03 8.67 -25.80
CA SER B 131 -23.91 9.22 -27.17
C SER B 131 -22.47 9.09 -27.70
N ASP B 132 -21.54 8.47 -26.94
CA ASP B 132 -20.10 8.36 -27.31
C ASP B 132 -19.42 7.35 -26.36
N LEU B 133 -19.82 6.08 -26.45
CA LEU B 133 -19.19 4.94 -25.74
C LEU B 133 -17.74 4.77 -26.20
N HIS B 134 -17.46 5.07 -27.48
CA HIS B 134 -16.13 4.90 -28.12
C HIS B 134 -15.10 5.77 -27.42
N SER B 135 -15.46 7.00 -27.06
CA SER B 135 -14.55 7.93 -26.38
C SER B 135 -14.15 7.36 -25.01
N ARG B 136 -15.06 6.73 -24.25
CA ARG B 136 -14.73 6.16 -22.93
C ARG B 136 -13.88 4.88 -23.14
N LYS B 137 -14.18 4.07 -24.17
CA LYS B 137 -13.42 2.83 -24.46
C LYS B 137 -11.95 3.15 -24.83
N ASN B 138 -11.73 4.15 -25.66
CA ASN B 138 -10.38 4.60 -26.06
C ASN B 138 -9.58 5.08 -24.83
N MET B 139 -10.21 5.81 -23.91
CA MET B 139 -9.58 6.32 -22.69
C MET B 139 -9.24 5.15 -21.75
N LEU B 140 -10.08 4.13 -21.64
CA LEU B 140 -9.76 2.93 -20.84
C LEU B 140 -8.55 2.19 -21.43
N LEU B 141 -8.47 2.08 -22.77
CA LEU B 141 -7.40 1.31 -23.47
C LEU B 141 -6.08 2.03 -23.24
N ALA B 142 -6.09 3.35 -23.44
CA ALA B 142 -4.99 4.30 -23.24
C ALA B 142 -4.46 4.17 -21.80
N THR B 143 -5.35 4.17 -20.81
CA THR B 143 -5.00 4.14 -19.37
C THR B 143 -4.31 2.80 -19.07
N LYS B 144 -4.91 1.70 -19.51
CA LYS B 144 -4.32 0.34 -19.41
C LYS B 144 -2.92 0.33 -20.03
N GLN B 145 -2.71 0.94 -21.20
CA GLN B 145 -1.40 0.99 -21.87
C GLN B 145 -0.39 1.76 -21.01
N LEU B 146 -0.72 2.99 -20.57
CA LEU B 146 0.25 3.86 -19.85
C LEU B 146 0.56 3.30 -18.45
N CYS B 147 -0.41 2.71 -17.76
CA CYS B 147 -0.18 2.04 -16.46
C CYS B 147 0.80 0.88 -16.66
N LYS B 148 0.61 0.07 -17.69
CA LYS B 148 1.53 -1.05 -18.03
C LYS B 148 2.96 -0.53 -18.26
N GLU B 149 3.15 0.52 -19.07
CA GLU B 149 4.50 1.07 -19.29
C GLU B 149 5.09 1.47 -17.94
N PHE B 150 4.26 2.02 -17.04
CA PHE B 150 4.75 2.53 -15.72
C PHE B 150 5.18 1.37 -14.82
N THR B 151 4.37 0.33 -14.68
CA THR B 151 4.69 -0.87 -13.86
C THR B 151 5.76 -1.72 -14.53
N ASP B 152 5.92 -1.64 -15.86
CA ASP B 152 7.03 -2.30 -16.61
C ASP B 152 8.36 -1.65 -16.18
N LEU B 153 8.42 -0.32 -16.09
CA LEU B 153 9.61 0.43 -15.58
C LEU B 153 9.91 -0.02 -14.15
N LEU B 154 8.92 -0.05 -13.25
CA LEU B 154 9.22 -0.43 -11.84
C LEU B 154 9.69 -1.89 -11.75
N ALA B 155 9.28 -2.76 -12.67
CA ALA B 155 9.75 -4.17 -12.75
C ALA B 155 11.21 -4.24 -13.29
N GLN B 156 11.75 -3.15 -13.82
CA GLN B 156 13.12 -3.11 -14.41
C GLN B 156 14.09 -2.57 -13.37
N ASP B 157 13.57 -2.19 -12.19
CA ASP B 157 14.33 -1.75 -11.00
C ASP B 157 15.18 -2.92 -10.49
N ARG B 158 16.48 -2.70 -10.29
CA ARG B 158 17.44 -3.74 -9.88
C ARG B 158 18.17 -3.23 -8.65
N THR B 159 17.44 -2.68 -7.70
CA THR B 159 17.99 -2.15 -6.44
C THR B 159 18.34 -3.34 -5.56
N PRO B 160 19.55 -3.36 -4.95
CA PRO B 160 19.87 -4.35 -3.94
C PRO B 160 18.80 -4.34 -2.83
N ILE B 161 18.34 -5.52 -2.47
CA ILE B 161 17.36 -5.72 -1.36
C ILE B 161 17.55 -7.16 -0.86
N GLY B 162 17.36 -7.40 0.44
CA GLY B 162 17.77 -8.66 1.11
C GLY B 162 19.19 -9.08 0.71
N ASN B 163 19.37 -10.32 0.24
CA ASN B 163 20.72 -10.87 -0.07
C ASN B 163 20.99 -10.77 -1.58
N SER B 164 20.15 -10.12 -2.36
CA SER B 164 20.40 -9.95 -3.83
C SER B 164 21.23 -8.68 -4.06
N ARG B 165 22.24 -8.79 -4.92
CA ARG B 165 22.95 -7.65 -5.54
C ARG B 165 22.92 -7.89 -7.04
N PRO B 166 21.78 -7.68 -7.71
CA PRO B 166 21.65 -8.03 -9.12
C PRO B 166 22.34 -6.94 -9.93
N SER B 167 22.44 -7.13 -11.24
CA SER B 167 23.10 -6.18 -12.15
C SER B 167 22.01 -5.35 -12.83
N PRO B 168 22.20 -4.02 -12.90
CA PRO B 168 21.17 -3.12 -13.44
C PRO B 168 21.00 -3.27 -14.96
N ILE B 169 19.78 -3.06 -15.47
CA ILE B 169 19.54 -3.00 -16.94
C ILE B 169 19.16 -1.57 -17.34
N LEU B 170 18.61 -0.79 -16.41
CA LEU B 170 18.31 0.64 -16.67
C LEU B 170 19.62 1.40 -16.58
N GLU B 171 19.69 2.54 -17.26
CA GLU B 171 20.80 3.54 -17.20
C GLU B 171 20.91 4.01 -15.76
N PRO B 172 22.07 4.58 -15.36
CA PRO B 172 22.35 4.87 -13.95
C PRO B 172 21.45 5.98 -13.38
N GLY B 173 21.14 7.01 -14.14
CA GLY B 173 20.30 8.14 -13.70
C GLY B 173 19.00 7.65 -13.08
N ILE B 174 18.16 6.98 -13.86
CA ILE B 174 16.82 6.53 -13.38
C ILE B 174 16.98 5.41 -12.33
N GLN B 175 17.93 4.50 -12.49
CA GLN B 175 18.22 3.44 -11.48
C GLN B 175 18.54 4.08 -10.13
N SER B 176 19.31 5.18 -10.14
CA SER B 176 19.70 5.90 -8.90
C SER B 176 18.46 6.50 -8.21
N CYS B 177 17.56 7.12 -8.97
CA CYS B 177 16.28 7.69 -8.46
C CYS B 177 15.40 6.55 -7.91
N LEU B 178 15.24 5.46 -8.64
CA LEU B 178 14.44 4.30 -8.14
C LEU B 178 15.09 3.76 -6.87
N THR B 179 16.42 3.71 -6.80
CA THR B 179 17.15 3.15 -5.62
C THR B 179 16.87 4.02 -4.41
N HIS B 180 16.92 5.33 -4.57
CA HIS B 180 16.59 6.26 -3.46
C HIS B 180 15.21 5.88 -2.91
N PHE B 181 14.21 5.71 -3.77
CA PHE B 181 12.82 5.43 -3.31
C PHE B 181 12.77 4.06 -2.59
N SER B 182 13.53 3.08 -3.05
CA SER B 182 13.57 1.75 -2.39
C SER B 182 14.26 1.89 -1.03
N LEU B 183 15.34 2.66 -0.97
CA LEU B 183 16.13 2.80 0.29
C LEU B 183 15.24 3.46 1.35
N ILE B 184 14.52 4.54 1.02
CA ILE B 184 13.65 5.20 2.06
C ILE B 184 12.39 4.39 2.40
N THR B 185 11.96 3.40 1.59
CA THR B 185 10.76 2.56 1.91
C THR B 185 11.17 1.17 2.38
N HIS B 186 12.48 0.87 2.40
CA HIS B 186 13.02 -0.45 2.82
C HIS B 186 12.53 -1.53 1.85
N GLY B 187 12.38 -1.18 0.58
CA GLY B 187 11.98 -2.14 -0.47
C GLY B 187 10.47 -2.29 -0.60
N PHE B 188 9.67 -1.56 0.19
CA PHE B 188 8.18 -1.63 0.17
C PHE B 188 7.61 -0.89 -1.06
N GLY B 189 8.26 0.18 -1.49
CA GLY B 189 7.70 1.25 -2.34
C GLY B 189 7.24 0.77 -3.69
N ALA B 190 8.19 0.34 -4.52
CA ALA B 190 7.95 -0.10 -5.91
C ALA B 190 6.91 -1.22 -5.91
N PRO B 191 7.06 -2.32 -5.14
CA PRO B 191 6.04 -3.38 -5.13
C PRO B 191 4.66 -2.95 -4.60
N ALA B 192 4.63 -2.02 -3.65
CA ALA B 192 3.37 -1.48 -3.09
C ALA B 192 2.68 -0.67 -4.18
N ILE B 193 3.42 0.13 -4.93
CA ILE B 193 2.84 0.87 -6.08
C ILE B 193 2.31 -0.12 -7.12
N CYS B 194 3.08 -1.16 -7.46
CA CYS B 194 2.62 -2.21 -8.43
C CYS B 194 1.36 -2.94 -7.94
N ALA B 195 1.32 -3.38 -6.68
CA ALA B 195 0.11 -3.93 -6.02
C ALA B 195 -1.08 -2.99 -6.22
N ALA B 196 -0.94 -1.67 -6.05
CA ALA B 196 -2.09 -0.75 -6.22
C ALA B 196 -2.52 -0.69 -7.69
N LEU B 197 -1.57 -0.69 -8.63
CA LEU B 197 -1.90 -0.55 -10.06
C LEU B 197 -2.52 -1.84 -10.61
N THR B 198 -2.39 -2.95 -9.92
CA THR B 198 -3.11 -4.22 -10.18
C THR B 198 -4.62 -4.03 -9.93
N ALA B 199 -4.99 -3.40 -8.83
CA ALA B 199 -6.40 -3.01 -8.57
C ALA B 199 -6.88 -2.10 -9.71
N LEU B 200 -6.13 -1.08 -10.08
CA LEU B 200 -6.52 -0.18 -11.20
C LEU B 200 -6.68 -0.99 -12.50
N GLN B 201 -5.74 -1.89 -12.82
CA GLN B 201 -5.71 -2.62 -14.11
C GLN B 201 -6.90 -3.58 -14.16
N ASN B 202 -7.25 -4.24 -13.05
CA ASN B 202 -8.37 -5.20 -12.95
C ASN B 202 -9.70 -4.46 -13.14
N TYR B 203 -9.83 -3.25 -12.57
CA TYR B 203 -10.97 -2.32 -12.77
C TYR B 203 -11.09 -2.02 -14.28
N LEU B 204 -10.00 -1.61 -14.90
CA LEU B 204 -9.99 -1.19 -16.32
C LEU B 204 -10.45 -2.34 -17.23
N THR B 205 -9.93 -3.53 -17.02
CA THR B 205 -10.38 -4.76 -17.74
C THR B 205 -11.86 -5.02 -17.46
N GLU B 206 -12.33 -4.95 -16.19
CA GLU B 206 -13.77 -5.19 -15.95
C GLU B 206 -14.58 -4.12 -16.67
N ALA B 207 -14.05 -2.89 -16.80
CA ALA B 207 -14.76 -1.73 -17.37
C ALA B 207 -14.86 -1.88 -18.88
N LEU B 208 -13.81 -2.42 -19.51
CA LEU B 208 -13.83 -2.73 -20.98
C LEU B 208 -14.82 -3.86 -21.25
N LYS B 209 -14.82 -4.94 -20.47
CA LYS B 209 -15.88 -5.98 -20.58
C LYS B 209 -17.26 -5.34 -20.50
N GLY B 210 -17.42 -4.38 -19.58
CA GLY B 210 -18.67 -3.64 -19.35
C GLY B 210 -19.05 -2.75 -20.53
N MET B 211 -18.09 -2.01 -21.11
CA MET B 211 -18.31 -1.12 -22.29
C MET B 211 -18.87 -1.98 -23.45
N ASP B 212 -18.33 -3.19 -23.65
CA ASP B 212 -18.65 -4.08 -24.80
C ASP B 212 -20.11 -4.55 -24.69
N LYS B 213 -20.60 -4.82 -23.48
CA LYS B 213 -22.00 -5.28 -23.25
C LYS B 213 -22.96 -4.08 -23.40
N MET B 214 -22.48 -2.83 -23.29
CA MET B 214 -23.28 -1.60 -23.62
C MET B 214 -23.35 -1.42 -25.15
N PHE B 215 -22.27 -1.72 -25.89
CA PHE B 215 -22.18 -1.73 -27.37
C PHE B 215 -23.12 -2.78 -27.96
N LEU B 216 -23.30 -3.91 -27.26
CA LEU B 216 -24.22 -5.03 -27.60
C LEU B 216 -25.68 -4.59 -27.41
N ASN B 217 -25.93 -3.40 -26.83
CA ASN B 217 -27.26 -2.74 -26.73
C ASN B 217 -27.13 -1.33 -27.33
#